data_4G1D
#
_entry.id   4G1D
#
_cell.length_a   66.287
_cell.length_b   66.287
_cell.length_c   263.662
_cell.angle_alpha   90
_cell.angle_beta   90
_cell.angle_gamma   120
#
_symmetry.space_group_name_H-M   'P 65 2 2'
#
loop_
_entity.id
_entity.type
_entity.pdbx_description
1 polymer 'Vitamin D3 receptor A'
2 polymer 'Nuclear receptor coactivator 1'
3 non-polymer "3-(5'-{[3,4-bis(hydroxymethyl)benzyl]oxy}-2'-methyl-2-propylbiphenyl-4-yl)pentan-3-ol"
4 water water
#
loop_
_entity_poly.entity_id
_entity_poly.type
_entity_poly.pdbx_seq_one_letter_code
_entity_poly.pdbx_strand_id
1 'polypeptide(L)'
;HMLSDEQMQIINSLVEAHHKTYDDSYSDFVRFRPPVREGPVTRSASRAASLHSLSDASSDSFNHSPESVDTKLNFSNLLM
MYQDSGSPDSSEEDQQSRLSMLPHLADLVSYSIQKVIGFAKMIPGFRDLTAEDQIALLKSSAIEIIMLRSNQSFSLEDMS
WSCGGPDFKYCINDVTKAGHTLELLEPLVKFQVGLKKLKLHEEEHVLLMAICLLSPDRPGVQDHVRIEALQDRLCDVLQA
YIRIQHPGGRLLYAKMIQKLADLRSLNEEHSKQYRSLSFQPEHSMQLTPLVLEVFGSEVS
;
A
2 'polypeptide(L)' RHKILHRLLQEGSPS B
#
loop_
_chem_comp.id
_chem_comp.type
_chem_comp.name
_chem_comp.formula
0VK non-polymer 3-(5'-{[3,4-bis(hydroxymethyl)benzyl]oxy}-2'-methyl-2-propylbiphenyl-4-yl)pentan-3-ol 'C30 H38 O4'
#
# COMPACT_ATOMS: atom_id res chain seq x y z
N HIS A 1 12.30 28.39 4.73
CA HIS A 1 12.08 28.74 3.30
C HIS A 1 10.63 28.40 2.93
N MET A 2 10.39 28.12 1.65
CA MET A 2 9.04 27.76 1.18
C MET A 2 9.13 26.91 -0.08
N LEU A 3 8.25 25.92 -0.19
CA LEU A 3 8.20 25.02 -1.33
C LEU A 3 8.25 25.81 -2.64
N SER A 4 8.66 25.14 -3.72
CA SER A 4 8.72 25.78 -5.03
C SER A 4 7.53 25.32 -5.83
N ASP A 5 7.43 25.80 -7.07
CA ASP A 5 6.33 25.43 -7.93
C ASP A 5 6.40 23.93 -8.24
N GLU A 6 7.59 23.48 -8.65
CA GLU A 6 7.79 22.06 -8.97
C GLU A 6 7.34 21.19 -7.81
N GLN A 7 7.91 21.45 -6.64
CA GLN A 7 7.58 20.68 -5.44
C GLN A 7 6.06 20.61 -5.24
N MET A 8 5.41 21.75 -5.41
CA MET A 8 3.97 21.82 -5.25
C MET A 8 3.22 21.07 -6.34
N GLN A 9 3.62 21.27 -7.59
CA GLN A 9 2.98 20.61 -8.73
C GLN A 9 2.91 19.10 -8.46
N ILE A 10 3.96 18.57 -7.85
CA ILE A 10 4.02 17.14 -7.52
C ILE A 10 2.99 16.79 -6.46
N ILE A 11 2.91 17.61 -5.41
CA ILE A 11 1.94 17.40 -4.34
C ILE A 11 0.52 17.33 -4.88
N ASN A 12 0.15 18.28 -5.73
CA ASN A 12 -1.19 18.29 -6.30
C ASN A 12 -1.36 17.08 -7.22
N SER A 13 -0.28 16.68 -7.88
CA SER A 13 -0.33 15.56 -8.79
C SER A 13 -0.57 14.25 -8.03
N LEU A 14 0.11 14.08 -6.89
CA LEU A 14 -0.06 12.89 -6.09
C LEU A 14 -1.45 12.86 -5.45
N VAL A 15 -1.81 13.94 -4.78
CA VAL A 15 -3.10 14.06 -4.13
C VAL A 15 -4.26 13.76 -5.08
N GLU A 16 -4.18 14.26 -6.30
CA GLU A 16 -5.25 14.00 -7.26
C GLU A 16 -5.29 12.51 -7.58
N ALA A 17 -4.12 11.90 -7.71
CA ALA A 17 -4.04 10.48 -8.01
C ALA A 17 -4.70 9.65 -6.91
N HIS A 18 -4.44 10.01 -5.65
CA HIS A 18 -5.03 9.29 -4.52
C HIS A 18 -6.55 9.39 -4.47
N HIS A 19 -7.07 10.60 -4.68
CA HIS A 19 -8.53 10.80 -4.65
C HIS A 19 -9.16 9.98 -5.76
N LYS A 20 -8.43 9.81 -6.85
CA LYS A 20 -8.93 9.09 -8.01
C LYS A 20 -8.84 7.57 -7.85
N THR A 21 -8.05 7.10 -6.88
CA THR A 21 -7.90 5.67 -6.68
C THR A 21 -8.31 5.20 -5.30
N TYR A 22 -8.93 6.08 -4.52
CA TYR A 22 -9.40 5.72 -3.20
C TYR A 22 -10.81 6.24 -3.00
N ASP A 23 -11.79 5.37 -3.14
CA ASP A 23 -13.19 5.74 -2.99
C ASP A 23 -13.63 5.81 -1.53
N ASP A 24 -13.98 7.02 -1.09
CA ASP A 24 -14.41 7.27 0.29
C ASP A 24 -15.77 6.67 0.66
N SER A 25 -16.55 6.26 -0.34
CA SER A 25 -17.85 5.67 -0.04
C SER A 25 -17.71 4.17 0.15
N TYR A 26 -16.66 3.58 -0.42
CA TYR A 26 -16.39 2.15 -0.31
C TYR A 26 -17.48 1.32 -0.99
N SER A 27 -18.25 1.98 -1.86
CA SER A 27 -19.34 1.33 -2.56
C SER A 27 -18.96 0.10 -3.39
N ASP A 28 -17.69 -0.08 -3.68
CA ASP A 28 -17.26 -1.23 -4.47
C ASP A 28 -17.21 -2.52 -3.65
N PHE A 29 -17.07 -2.39 -2.33
CA PHE A 29 -17.01 -3.53 -1.44
C PHE A 29 -18.21 -4.47 -1.54
N VAL A 30 -19.38 -3.94 -1.87
CA VAL A 30 -20.57 -4.78 -1.97
C VAL A 30 -20.42 -5.78 -3.11
N ARG A 31 -19.50 -5.51 -4.02
CA ARG A 31 -19.28 -6.39 -5.16
C ARG A 31 -18.27 -7.50 -4.89
N PHE A 32 -17.65 -7.48 -3.70
CA PHE A 32 -16.67 -8.52 -3.33
C PHE A 32 -17.44 -9.75 -2.88
N ARG A 33 -16.75 -10.89 -2.79
CA ARG A 33 -17.41 -12.09 -2.31
C ARG A 33 -17.72 -11.72 -0.86
N PRO A 34 -18.97 -11.91 -0.44
CA PRO A 34 -19.43 -11.60 0.91
C PRO A 34 -18.59 -12.12 2.06
N PRO A 35 -18.42 -11.29 3.11
CA PRO A 35 -17.65 -11.68 4.28
C PRO A 35 -18.43 -12.70 5.08
N VAL A 36 -17.72 -13.60 5.76
CA VAL A 36 -18.39 -14.63 6.55
C VAL A 36 -17.70 -14.78 7.90
N ARG A 37 -18.29 -14.19 8.94
CA ARG A 37 -17.74 -14.26 10.29
C ARG A 37 -18.30 -15.46 11.05
N ARG A 98 -12.54 -21.65 9.52
CA ARG A 98 -11.68 -22.29 8.53
C ARG A 98 -11.48 -21.36 7.33
N LEU A 99 -10.90 -20.19 7.59
CA LEU A 99 -10.62 -19.21 6.55
C LEU A 99 -11.87 -18.75 5.83
N SER A 100 -12.91 -18.43 6.59
CA SER A 100 -14.17 -17.98 6.03
C SER A 100 -14.08 -16.57 5.47
N MET A 101 -13.08 -15.81 5.94
CA MET A 101 -12.88 -14.45 5.49
C MET A 101 -11.93 -14.37 4.30
N LEU A 102 -11.24 -15.46 4.00
CA LEU A 102 -10.28 -15.49 2.91
C LEU A 102 -10.86 -15.01 1.57
N PRO A 103 -12.08 -15.45 1.23
CA PRO A 103 -12.62 -14.98 -0.05
C PRO A 103 -12.81 -13.47 -0.11
N HIS A 104 -13.52 -12.92 0.87
CA HIS A 104 -13.79 -11.48 0.93
C HIS A 104 -12.53 -10.62 1.02
N LEU A 105 -11.57 -11.03 1.84
CA LEU A 105 -10.35 -10.26 1.98
C LEU A 105 -9.46 -10.41 0.75
N ALA A 106 -9.53 -11.57 0.12
CA ALA A 106 -8.74 -11.80 -1.08
C ALA A 106 -9.25 -10.80 -2.11
N ASP A 107 -10.57 -10.66 -2.19
CA ASP A 107 -11.15 -9.72 -3.13
C ASP A 107 -10.87 -8.28 -2.73
N LEU A 108 -10.77 -8.04 -1.42
CA LEU A 108 -10.47 -6.70 -0.96
C LEU A 108 -9.05 -6.40 -1.42
N VAL A 109 -8.12 -7.28 -1.07
CA VAL A 109 -6.72 -7.08 -1.44
C VAL A 109 -6.49 -6.98 -2.94
N SER A 110 -7.16 -7.85 -3.71
CA SER A 110 -7.00 -7.82 -5.15
C SER A 110 -7.42 -6.44 -5.64
N TYR A 111 -8.61 -6.03 -5.22
CA TYR A 111 -9.16 -4.73 -5.58
C TYR A 111 -8.15 -3.62 -5.24
N SER A 112 -7.53 -3.72 -4.07
CA SER A 112 -6.56 -2.75 -3.64
C SER A 112 -5.33 -2.72 -4.55
N ILE A 113 -4.86 -3.89 -4.97
CA ILE A 113 -3.71 -3.93 -5.86
C ILE A 113 -4.04 -3.10 -7.10
N GLN A 114 -5.22 -3.32 -7.67
CA GLN A 114 -5.64 -2.56 -8.83
C GLN A 114 -5.49 -1.06 -8.59
N LYS A 115 -5.95 -0.60 -7.43
CA LYS A 115 -5.88 0.80 -7.08
C LYS A 115 -4.44 1.30 -6.94
N VAL A 116 -3.62 0.51 -6.25
CA VAL A 116 -2.21 0.85 -6.06
C VAL A 116 -1.50 1.02 -7.41
N ILE A 117 -1.88 0.20 -8.39
CA ILE A 117 -1.30 0.28 -9.71
C ILE A 117 -1.74 1.58 -10.38
N GLY A 118 -3.04 1.85 -10.32
CA GLY A 118 -3.59 3.07 -10.90
C GLY A 118 -2.93 4.30 -10.29
N PHE A 119 -2.64 4.21 -9.01
CA PHE A 119 -1.98 5.30 -8.29
C PHE A 119 -0.57 5.47 -8.84
N ALA A 120 0.16 4.37 -8.95
CA ALA A 120 1.54 4.38 -9.45
C ALA A 120 1.65 4.97 -10.85
N LYS A 121 0.75 4.56 -11.74
CA LYS A 121 0.78 5.06 -13.11
C LYS A 121 0.65 6.59 -13.14
N MET A 122 0.17 7.17 -12.06
CA MET A 122 0.00 8.62 -12.00
C MET A 122 1.10 9.34 -11.25
N ILE A 123 2.04 8.58 -10.67
CA ILE A 123 3.15 9.24 -9.97
C ILE A 123 4.05 9.79 -11.06
N PRO A 124 4.40 11.08 -10.98
CA PRO A 124 5.27 11.68 -12.00
C PRO A 124 6.62 10.98 -12.07
N GLY A 125 6.93 10.43 -13.24
CA GLY A 125 8.19 9.73 -13.43
C GLY A 125 8.05 8.22 -13.58
N PHE A 126 7.34 7.62 -12.63
CA PHE A 126 7.12 6.17 -12.62
C PHE A 126 6.77 5.60 -13.98
N ARG A 127 5.89 6.28 -14.70
CA ARG A 127 5.44 5.81 -16.00
C ARG A 127 6.53 5.80 -17.07
N ASP A 128 7.60 6.55 -16.82
CA ASP A 128 8.70 6.60 -17.77
C ASP A 128 9.70 5.51 -17.48
N LEU A 129 9.60 4.90 -16.31
CA LEU A 129 10.50 3.81 -15.95
C LEU A 129 10.18 2.64 -16.87
N THR A 130 11.08 1.65 -16.93
CA THR A 130 10.85 0.49 -17.79
C THR A 130 9.73 -0.39 -17.23
N ALA A 131 8.93 -0.96 -18.13
CA ALA A 131 7.84 -1.83 -17.72
C ALA A 131 8.37 -2.83 -16.70
N GLU A 132 9.58 -3.29 -16.93
CA GLU A 132 10.21 -4.25 -16.06
C GLU A 132 10.39 -3.65 -14.68
N ASP A 133 10.89 -2.42 -14.61
CA ASP A 133 11.08 -1.77 -13.32
C ASP A 133 9.76 -1.49 -12.64
N GLN A 134 8.75 -1.10 -13.42
CA GLN A 134 7.44 -0.82 -12.85
C GLN A 134 6.96 -2.05 -12.10
N ILE A 135 7.09 -3.21 -12.74
CA ILE A 135 6.66 -4.45 -12.13
C ILE A 135 7.47 -4.78 -10.88
N ALA A 136 8.79 -4.66 -10.97
CA ALA A 136 9.68 -4.96 -9.85
C ALA A 136 9.28 -4.16 -8.61
N LEU A 137 8.98 -2.88 -8.83
CA LEU A 137 8.56 -1.99 -7.76
C LEU A 137 7.19 -2.43 -7.21
N LEU A 138 6.22 -2.62 -8.09
CA LEU A 138 4.90 -3.06 -7.65
C LEU A 138 4.94 -4.36 -6.87
N LYS A 139 5.39 -5.44 -7.52
CA LYS A 139 5.46 -6.74 -6.87
C LYS A 139 6.13 -6.76 -5.51
N SER A 140 7.06 -5.85 -5.29
CA SER A 140 7.75 -5.81 -4.01
C SER A 140 7.18 -4.79 -3.03
N SER A 141 6.54 -3.75 -3.53
CA SER A 141 6.00 -2.72 -2.64
C SER A 141 4.50 -2.76 -2.43
N ALA A 142 3.77 -3.21 -3.44
CA ALA A 142 2.30 -3.30 -3.38
C ALA A 142 1.75 -3.61 -1.99
N ILE A 143 2.18 -4.74 -1.43
CA ILE A 143 1.71 -5.16 -0.11
C ILE A 143 1.89 -4.07 0.93
N GLU A 144 2.94 -3.27 0.79
CA GLU A 144 3.22 -2.19 1.72
C GLU A 144 2.34 -0.98 1.43
N ILE A 145 2.08 -0.70 0.16
CA ILE A 145 1.24 0.43 -0.18
C ILE A 145 -0.17 0.16 0.35
N ILE A 146 -0.56 -1.11 0.34
CA ILE A 146 -1.88 -1.50 0.82
C ILE A 146 -1.99 -1.32 2.34
N MET A 147 -0.92 -1.62 3.06
CA MET A 147 -0.91 -1.48 4.50
C MET A 147 -0.97 0.01 4.85
N LEU A 148 -0.26 0.81 4.07
CA LEU A 148 -0.24 2.26 4.26
C LEU A 148 -1.57 2.92 3.93
N ARG A 149 -2.17 2.52 2.82
CA ARG A 149 -3.43 3.12 2.41
C ARG A 149 -4.62 2.66 3.25
N SER A 150 -4.54 1.45 3.77
CA SER A 150 -5.63 0.92 4.59
C SER A 150 -5.79 1.75 5.86
N ASN A 151 -4.71 2.42 6.27
CA ASN A 151 -4.72 3.24 7.49
C ASN A 151 -5.78 4.33 7.42
N GLN A 152 -6.07 4.80 6.21
CA GLN A 152 -7.07 5.84 6.01
C GLN A 152 -8.42 5.42 6.57
N SER A 153 -8.64 4.11 6.73
CA SER A 153 -9.91 3.63 7.25
C SER A 153 -9.77 2.92 8.60
N PHE A 154 -8.56 2.89 9.14
CA PHE A 154 -8.33 2.25 10.43
C PHE A 154 -8.86 3.16 11.53
N SER A 155 -9.56 2.59 12.50
CA SER A 155 -10.13 3.36 13.60
C SER A 155 -9.57 2.96 14.96
N LEU A 156 -8.94 3.93 15.62
CA LEU A 156 -8.34 3.70 16.93
C LEU A 156 -9.37 3.29 17.98
N GLU A 157 -10.58 3.83 17.87
CA GLU A 157 -11.63 3.50 18.83
C GLU A 157 -11.80 2.00 18.95
N ASP A 158 -12.44 1.39 17.97
CA ASP A 158 -12.68 -0.05 17.98
C ASP A 158 -11.52 -0.91 17.47
N MET A 159 -10.35 -0.29 17.33
CA MET A 159 -9.15 -0.99 16.86
C MET A 159 -9.46 -1.87 15.65
N SER A 160 -10.04 -1.27 14.61
CA SER A 160 -10.39 -2.01 13.41
C SER A 160 -10.44 -1.14 12.17
N TRP A 161 -10.63 -1.80 11.03
CA TRP A 161 -10.74 -1.11 9.75
C TRP A 161 -12.22 -0.97 9.47
N SER A 162 -12.74 0.24 9.68
CA SER A 162 -14.15 0.49 9.45
C SER A 162 -14.32 1.11 8.07
N CYS A 163 -14.81 0.32 7.12
CA CYS A 163 -14.99 0.80 5.75
C CYS A 163 -16.41 1.23 5.42
N GLY A 164 -17.07 0.49 4.55
CA GLY A 164 -18.44 0.84 4.19
C GLY A 164 -19.31 1.00 5.42
N GLY A 165 -19.98 -0.08 5.79
CA GLY A 165 -20.83 -0.07 6.95
C GLY A 165 -20.38 -1.12 7.95
N PRO A 166 -21.32 -1.79 8.63
CA PRO A 166 -21.05 -2.83 9.64
C PRO A 166 -20.46 -4.09 9.02
N ASP A 167 -20.89 -4.42 7.81
CA ASP A 167 -20.42 -5.60 7.10
C ASP A 167 -18.94 -5.47 6.75
N PHE A 168 -18.52 -4.27 6.42
CA PHE A 168 -17.15 -4.03 6.02
C PHE A 168 -16.27 -3.43 7.11
N LYS A 169 -16.47 -3.91 8.33
CA LYS A 169 -15.70 -3.48 9.48
C LYS A 169 -14.95 -4.73 9.90
N TYR A 170 -13.63 -4.72 9.71
CA TYR A 170 -12.81 -5.89 10.02
C TYR A 170 -12.05 -5.81 11.33
N CYS A 171 -12.46 -6.64 12.29
CA CYS A 171 -11.82 -6.70 13.59
C CYS A 171 -10.55 -7.51 13.50
N ILE A 172 -9.82 -7.57 14.60
CA ILE A 172 -8.58 -8.33 14.64
C ILE A 172 -8.97 -9.80 14.55
N ASN A 173 -10.21 -10.09 14.91
CA ASN A 173 -10.72 -11.45 14.87
C ASN A 173 -11.00 -11.85 13.42
N ASP A 174 -11.80 -11.03 12.76
CA ASP A 174 -12.18 -11.25 11.36
C ASP A 174 -10.94 -11.59 10.54
N VAL A 175 -9.96 -10.70 10.60
CA VAL A 175 -8.71 -10.85 9.88
C VAL A 175 -7.95 -12.14 10.18
N THR A 176 -8.24 -12.74 11.33
CA THR A 176 -7.58 -13.98 11.73
C THR A 176 -8.00 -15.13 10.81
N LYS A 177 -9.28 -15.10 10.45
CA LYS A 177 -9.89 -16.14 9.61
C LYS A 177 -9.57 -16.03 8.13
N ALA A 178 -8.46 -15.39 7.79
CA ALA A 178 -8.10 -15.24 6.39
C ALA A 178 -6.80 -15.95 6.08
N GLY A 179 -6.27 -16.70 7.04
CA GLY A 179 -5.05 -17.44 6.82
C GLY A 179 -3.82 -16.83 7.45
N HIS A 180 -3.98 -15.69 8.12
CA HIS A 180 -2.86 -15.04 8.77
C HIS A 180 -2.90 -15.17 10.29
N THR A 181 -1.71 -15.19 10.89
CA THR A 181 -1.57 -15.33 12.34
C THR A 181 -1.17 -14.04 13.03
N LEU A 182 -1.26 -14.05 14.36
CA LEU A 182 -0.92 -12.89 15.17
C LEU A 182 0.52 -12.51 14.89
N GLU A 183 1.30 -13.48 14.46
CA GLU A 183 2.71 -13.26 14.16
C GLU A 183 2.83 -12.09 13.18
N LEU A 184 1.75 -11.81 12.48
CA LEU A 184 1.72 -10.72 11.51
C LEU A 184 0.71 -9.68 11.96
N LEU A 185 -0.46 -10.15 12.35
CA LEU A 185 -1.55 -9.28 12.77
C LEU A 185 -1.17 -8.38 13.95
N GLU A 186 -0.43 -8.93 14.90
CA GLU A 186 -0.02 -8.15 16.07
C GLU A 186 0.80 -6.91 15.66
N PRO A 187 1.90 -7.12 14.91
CA PRO A 187 2.72 -5.98 14.49
C PRO A 187 1.95 -5.05 13.55
N LEU A 188 1.10 -5.64 12.70
CA LEU A 188 0.33 -4.87 11.74
C LEU A 188 -0.55 -3.84 12.46
N VAL A 189 -1.33 -4.32 13.42
CA VAL A 189 -2.21 -3.45 14.19
C VAL A 189 -1.34 -2.41 14.88
N LYS A 190 -0.23 -2.88 15.44
CA LYS A 190 0.72 -2.02 16.12
C LYS A 190 1.10 -0.88 15.17
N PHE A 191 1.43 -1.26 13.94
CA PHE A 191 1.81 -0.30 12.90
C PHE A 191 0.71 0.70 12.62
N GLN A 192 -0.48 0.19 12.33
CA GLN A 192 -1.62 1.05 12.03
C GLN A 192 -1.82 2.10 13.11
N VAL A 193 -1.75 1.67 14.37
CA VAL A 193 -1.93 2.59 15.49
C VAL A 193 -0.87 3.68 15.51
N GLY A 194 0.39 3.26 15.65
CA GLY A 194 1.48 4.22 15.68
C GLY A 194 1.39 5.21 14.55
N LEU A 195 0.99 4.74 13.37
CA LEU A 195 0.87 5.59 12.20
C LEU A 195 -0.36 6.49 12.31
N LYS A 196 -1.47 5.92 12.74
CA LYS A 196 -2.69 6.69 12.89
C LYS A 196 -2.41 7.89 13.80
N LYS A 197 -1.54 7.68 14.77
CA LYS A 197 -1.18 8.72 15.73
C LYS A 197 -0.41 9.90 15.13
N LEU A 198 0.31 9.68 14.03
CA LEU A 198 1.06 10.76 13.41
C LEU A 198 0.15 11.81 12.76
N LYS A 199 -1.16 11.54 12.76
CA LYS A 199 -2.15 12.44 12.18
C LYS A 199 -1.64 13.18 10.94
N LEU A 200 -0.92 12.45 10.09
CA LEU A 200 -0.35 13.00 8.88
C LEU A 200 -1.37 13.78 8.07
N HIS A 201 -0.89 14.60 7.14
CA HIS A 201 -1.74 15.37 6.26
C HIS A 201 -1.98 14.51 5.03
N GLU A 202 -3.02 14.81 4.25
CA GLU A 202 -3.28 14.03 3.07
C GLU A 202 -2.09 14.11 2.11
N GLU A 203 -1.41 15.25 2.12
CA GLU A 203 -0.25 15.46 1.27
C GLU A 203 0.96 14.66 1.76
N GLU A 204 1.11 14.54 3.07
CA GLU A 204 2.21 13.80 3.65
C GLU A 204 1.96 12.31 3.46
N HIS A 205 0.72 11.90 3.73
CA HIS A 205 0.30 10.52 3.60
C HIS A 205 0.45 10.03 2.16
N VAL A 206 0.07 10.87 1.20
CA VAL A 206 0.16 10.52 -0.20
C VAL A 206 1.63 10.40 -0.62
N LEU A 207 2.46 11.32 -0.15
CA LEU A 207 3.89 11.33 -0.45
C LEU A 207 4.52 10.05 0.04
N LEU A 208 4.31 9.75 1.32
CA LEU A 208 4.85 8.56 1.94
C LEU A 208 4.60 7.30 1.11
N MET A 209 3.43 7.22 0.48
CA MET A 209 3.10 6.07 -0.36
C MET A 209 3.99 6.08 -1.60
N ALA A 210 4.20 7.27 -2.16
CA ALA A 210 5.02 7.42 -3.35
C ALA A 210 6.50 7.15 -3.05
N ILE A 211 6.92 7.48 -1.84
CA ILE A 211 8.32 7.26 -1.46
C ILE A 211 8.57 5.76 -1.31
N CYS A 212 7.60 5.08 -0.71
CA CYS A 212 7.68 3.65 -0.48
C CYS A 212 7.66 2.84 -1.79
N LEU A 213 6.87 3.29 -2.76
CA LEU A 213 6.77 2.62 -4.04
C LEU A 213 7.98 2.89 -4.92
N LEU A 214 8.65 4.00 -4.67
CA LEU A 214 9.84 4.35 -5.44
C LEU A 214 11.13 4.06 -4.70
N SER A 215 11.12 2.98 -3.93
CA SER A 215 12.30 2.57 -3.19
C SER A 215 13.12 1.74 -4.17
N PRO A 216 14.36 2.16 -4.44
CA PRO A 216 15.22 1.43 -5.38
C PRO A 216 15.77 0.14 -4.79
N ASP A 217 15.80 0.06 -3.46
CA ASP A 217 16.32 -1.13 -2.79
C ASP A 217 15.30 -2.27 -2.74
N ARG A 218 14.85 -2.68 -3.92
CA ARG A 218 13.88 -3.77 -4.07
C ARG A 218 14.45 -4.77 -5.07
N PRO A 219 14.28 -6.08 -4.80
CA PRO A 219 14.80 -7.08 -5.73
C PRO A 219 14.17 -6.96 -7.13
N GLY A 220 14.98 -7.22 -8.15
CA GLY A 220 14.49 -7.17 -9.52
C GLY A 220 14.71 -5.84 -10.20
N VAL A 221 14.90 -4.79 -9.41
CA VAL A 221 15.12 -3.46 -9.96
C VAL A 221 16.39 -3.39 -10.79
N GLN A 222 16.29 -2.81 -11.98
CA GLN A 222 17.42 -2.65 -12.89
C GLN A 222 18.05 -1.27 -12.75
N ASP A 223 17.34 -0.26 -13.25
CA ASP A 223 17.79 1.13 -13.23
C ASP A 223 17.89 1.72 -11.81
N HIS A 224 18.62 1.03 -10.94
CA HIS A 224 18.80 1.43 -9.54
C HIS A 224 19.39 2.85 -9.39
N VAL A 225 19.36 3.62 -10.47
CA VAL A 225 19.89 4.98 -10.45
C VAL A 225 18.77 6.00 -10.60
N ARG A 226 18.06 5.93 -11.73
CA ARG A 226 16.97 6.85 -12.01
C ARG A 226 15.92 6.85 -10.91
N ILE A 227 15.55 5.66 -10.43
CA ILE A 227 14.55 5.54 -9.36
C ILE A 227 15.05 6.21 -8.09
N GLU A 228 16.28 5.91 -7.72
CA GLU A 228 16.90 6.50 -6.52
C GLU A 228 16.70 8.02 -6.55
N ALA A 229 16.80 8.59 -7.74
CA ALA A 229 16.64 10.03 -7.91
C ALA A 229 15.21 10.45 -7.62
N LEU A 230 14.25 9.83 -8.31
CA LEU A 230 12.84 10.12 -8.13
C LEU A 230 12.45 10.11 -6.65
N GLN A 231 12.87 9.05 -5.96
CA GLN A 231 12.56 8.92 -4.54
C GLN A 231 13.13 10.10 -3.78
N ASP A 232 14.35 10.48 -4.16
CA ASP A 232 15.03 11.61 -3.53
C ASP A 232 14.20 12.87 -3.73
N ARG A 233 13.75 13.06 -4.97
CA ARG A 233 12.94 14.22 -5.29
C ARG A 233 11.66 14.22 -4.47
N LEU A 234 11.12 13.03 -4.19
CA LEU A 234 9.91 12.94 -3.37
C LEU A 234 10.22 13.19 -1.90
N CYS A 235 11.28 12.56 -1.40
CA CYS A 235 11.68 12.72 0.00
C CYS A 235 11.91 14.18 0.40
N ASP A 236 12.33 15.01 -0.55
CA ASP A 236 12.57 16.40 -0.23
C ASP A 236 11.26 17.11 0.01
N VAL A 237 10.40 17.09 -1.01
CA VAL A 237 9.10 17.72 -0.91
C VAL A 237 8.44 17.40 0.42
N LEU A 238 8.67 16.19 0.91
CA LEU A 238 8.08 15.80 2.18
C LEU A 238 8.74 16.55 3.32
N GLN A 239 10.07 16.56 3.31
CA GLN A 239 10.86 17.25 4.33
C GLN A 239 10.59 18.75 4.29
N ALA A 240 10.35 19.26 3.08
CA ALA A 240 10.06 20.67 2.90
C ALA A 240 8.65 20.95 3.42
N TYR A 241 7.66 20.33 2.78
CA TYR A 241 6.27 20.49 3.18
C TYR A 241 6.09 20.47 4.69
N ILE A 242 6.64 19.44 5.34
CA ILE A 242 6.53 19.32 6.80
C ILE A 242 7.14 20.54 7.48
N ARG A 243 8.35 20.90 7.07
CA ARG A 243 9.06 22.03 7.64
C ARG A 243 8.18 23.28 7.55
N ILE A 244 7.62 23.51 6.36
CA ILE A 244 6.78 24.68 6.11
C ILE A 244 5.32 24.57 6.56
N GLN A 245 4.61 23.54 6.08
CA GLN A 245 3.19 23.38 6.38
C GLN A 245 2.73 22.57 7.57
N HIS A 246 3.61 21.87 8.29
CA HIS A 246 3.12 21.08 9.39
C HIS A 246 3.69 21.42 10.76
N PRO A 247 3.05 22.36 11.47
CA PRO A 247 3.45 22.82 12.80
C PRO A 247 3.59 21.68 13.80
N GLY A 248 4.80 21.52 14.35
CA GLY A 248 5.04 20.45 15.30
C GLY A 248 5.59 19.23 14.62
N GLY A 249 5.89 19.36 13.33
CA GLY A 249 6.44 18.24 12.57
C GLY A 249 7.95 18.25 12.56
N ARG A 250 8.52 18.93 13.56
CA ARG A 250 9.97 19.03 13.69
C ARG A 250 10.62 17.65 13.74
N LEU A 251 9.85 16.65 14.18
CA LEU A 251 10.36 15.29 14.28
C LEU A 251 9.56 14.31 13.42
N LEU A 252 8.62 14.83 12.66
CA LEU A 252 7.76 14.00 11.81
C LEU A 252 8.49 13.18 10.75
N TYR A 253 9.19 13.85 9.85
CA TYR A 253 9.93 13.17 8.80
C TYR A 253 10.63 11.93 9.30
N ALA A 254 11.54 12.12 10.26
CA ALA A 254 12.27 10.99 10.83
C ALA A 254 11.33 9.89 11.27
N LYS A 255 10.21 10.27 11.88
CA LYS A 255 9.23 9.30 12.35
C LYS A 255 8.55 8.55 11.21
N MET A 256 8.36 9.25 10.09
CA MET A 256 7.73 8.66 8.92
C MET A 256 8.64 7.62 8.26
N ILE A 257 9.95 7.87 8.30
CA ILE A 257 10.90 6.93 7.71
C ILE A 257 10.94 5.65 8.53
N GLN A 258 10.86 5.80 9.85
CA GLN A 258 10.87 4.65 10.73
C GLN A 258 9.69 3.74 10.36
N LYS A 259 8.68 4.35 9.75
CA LYS A 259 7.49 3.62 9.34
C LYS A 259 7.76 2.86 8.05
N LEU A 260 8.57 3.44 7.17
CA LEU A 260 8.92 2.79 5.92
C LEU A 260 9.81 1.61 6.24
N ALA A 261 10.42 1.67 7.43
CA ALA A 261 11.29 0.61 7.90
C ALA A 261 10.47 -0.52 8.47
N ASP A 262 9.41 -0.18 9.18
CA ASP A 262 8.54 -1.21 9.76
C ASP A 262 7.82 -1.96 8.66
N LEU A 263 7.54 -1.27 7.55
CA LEU A 263 6.85 -1.88 6.42
C LEU A 263 7.64 -3.04 5.84
N ARG A 264 8.97 -2.99 5.95
CA ARG A 264 9.81 -4.07 5.43
C ARG A 264 9.66 -5.35 6.24
N SER A 265 9.50 -5.21 7.55
CA SER A 265 9.33 -6.37 8.43
C SER A 265 7.98 -7.00 8.18
N LEU A 266 6.96 -6.15 8.07
CA LEU A 266 5.60 -6.62 7.81
C LEU A 266 5.61 -7.32 6.45
N ASN A 267 6.25 -6.68 5.48
CA ASN A 267 6.34 -7.22 4.13
C ASN A 267 6.92 -8.61 4.25
N GLU A 268 7.98 -8.71 5.04
CA GLU A 268 8.68 -9.96 5.28
C GLU A 268 7.75 -11.03 5.86
N GLU A 269 7.14 -10.72 7.00
CA GLU A 269 6.24 -11.65 7.67
C GLU A 269 5.13 -12.14 6.75
N HIS A 270 4.44 -11.19 6.10
CA HIS A 270 3.36 -11.52 5.18
C HIS A 270 3.80 -12.46 4.07
N SER A 271 4.99 -12.24 3.56
CA SER A 271 5.51 -13.07 2.48
C SER A 271 5.66 -14.52 2.90
N LYS A 272 6.19 -14.75 4.09
CA LYS A 272 6.36 -16.11 4.57
C LYS A 272 5.01 -16.78 4.60
N GLN A 273 4.09 -16.17 5.34
CA GLN A 273 2.75 -16.70 5.49
C GLN A 273 2.05 -16.87 4.16
N TYR A 274 2.19 -15.88 3.27
CA TYR A 274 1.56 -15.97 1.96
C TYR A 274 2.02 -17.23 1.22
N ARG A 275 3.30 -17.57 1.34
CA ARG A 275 3.84 -18.76 0.67
C ARG A 275 3.12 -19.99 1.22
N SER A 276 3.10 -20.09 2.55
CA SER A 276 2.45 -21.20 3.23
C SER A 276 1.06 -21.44 2.67
N LEU A 277 0.23 -20.40 2.68
CA LEU A 277 -1.12 -20.53 2.18
C LEU A 277 -1.09 -20.85 0.68
N SER A 278 -0.33 -20.04 -0.05
CA SER A 278 -0.20 -20.18 -1.49
C SER A 278 0.14 -21.59 -1.97
N PHE A 279 0.81 -22.37 -1.13
CA PHE A 279 1.20 -23.72 -1.52
C PHE A 279 0.06 -24.74 -1.44
N GLN A 280 -0.93 -24.47 -0.61
CA GLN A 280 -2.07 -25.36 -0.46
C GLN A 280 -3.16 -24.98 -1.45
N PRO A 281 -3.24 -25.67 -2.59
CA PRO A 281 -4.26 -25.37 -3.60
C PRO A 281 -5.68 -25.18 -3.11
N GLU A 282 -6.05 -25.82 -2.01
CA GLU A 282 -7.41 -25.66 -1.49
C GLU A 282 -7.57 -24.22 -1.00
N HIS A 283 -6.44 -23.55 -0.82
CA HIS A 283 -6.46 -22.18 -0.36
C HIS A 283 -6.12 -21.20 -1.49
N SER A 284 -5.19 -21.57 -2.34
CA SER A 284 -4.80 -20.70 -3.44
C SER A 284 -5.95 -20.54 -4.44
N MET A 285 -6.76 -21.58 -4.59
CA MET A 285 -7.89 -21.53 -5.52
C MET A 285 -8.91 -20.48 -5.07
N GLN A 286 -8.79 -20.04 -3.83
CA GLN A 286 -9.68 -19.03 -3.27
C GLN A 286 -9.20 -17.61 -3.56
N LEU A 287 -7.94 -17.48 -3.95
CA LEU A 287 -7.36 -16.18 -4.28
C LEU A 287 -7.80 -15.73 -5.67
N THR A 288 -7.19 -14.66 -6.18
CA THR A 288 -7.54 -14.13 -7.51
C THR A 288 -6.31 -14.14 -8.41
N PRO A 289 -6.53 -14.16 -9.74
CA PRO A 289 -5.42 -14.17 -10.71
C PRO A 289 -4.42 -13.05 -10.46
N LEU A 290 -4.94 -11.87 -10.15
CA LEU A 290 -4.07 -10.71 -9.92
C LEU A 290 -3.26 -10.88 -8.64
N VAL A 291 -3.90 -11.39 -7.59
CA VAL A 291 -3.21 -11.60 -6.33
C VAL A 291 -2.11 -12.65 -6.49
N LEU A 292 -2.42 -13.72 -7.23
CA LEU A 292 -1.45 -14.77 -7.46
C LEU A 292 -0.26 -14.27 -8.26
N GLU A 293 -0.54 -13.46 -9.27
CA GLU A 293 0.49 -12.91 -10.13
C GLU A 293 1.39 -11.93 -9.37
N VAL A 294 0.80 -10.93 -8.74
CA VAL A 294 1.58 -9.95 -8.00
C VAL A 294 2.32 -10.53 -6.79
N PHE A 295 1.63 -11.34 -5.99
CA PHE A 295 2.28 -11.91 -4.81
C PHE A 295 3.03 -13.19 -5.12
N GLY A 296 2.99 -13.61 -6.39
CA GLY A 296 3.67 -14.82 -6.80
C GLY A 296 5.17 -14.61 -6.86
N SER A 297 5.92 -15.66 -7.17
CA SER A 297 7.37 -15.55 -7.23
C SER A 297 7.95 -15.68 -8.63
N GLU A 298 7.13 -15.46 -9.65
CA GLU A 298 7.59 -15.53 -11.03
C GLU A 298 8.55 -14.38 -11.27
N VAL A 299 9.55 -14.59 -12.12
CA VAL A 299 10.53 -13.55 -12.42
C VAL A 299 10.29 -12.94 -13.80
N ARG B 1 4.49 -14.40 -17.96
CA ARG B 1 5.37 -13.25 -17.80
C ARG B 1 4.57 -12.04 -17.31
N HIS B 2 3.74 -12.26 -16.30
CA HIS B 2 2.89 -11.21 -15.71
C HIS B 2 1.87 -10.63 -16.68
N LYS B 3 0.98 -11.48 -17.21
CA LYS B 3 -0.04 -11.03 -18.15
C LYS B 3 -0.81 -9.80 -17.68
N ILE B 4 -1.54 -9.98 -16.57
CA ILE B 4 -2.37 -8.94 -16.00
C ILE B 4 -1.65 -7.65 -15.61
N LEU B 5 -0.52 -7.76 -14.92
CA LEU B 5 0.23 -6.57 -14.51
C LEU B 5 0.55 -5.69 -15.72
N HIS B 6 0.97 -6.30 -16.82
CA HIS B 6 1.31 -5.56 -18.02
C HIS B 6 0.12 -4.81 -18.59
N ARG B 7 -1.00 -5.52 -18.70
CA ARG B 7 -2.20 -4.93 -19.26
C ARG B 7 -2.64 -3.74 -18.41
N LEU B 8 -2.65 -3.92 -17.09
CA LEU B 8 -3.07 -2.84 -16.20
C LEU B 8 -2.09 -1.67 -16.18
N LEU B 9 -0.82 -1.94 -16.44
CA LEU B 9 0.19 -0.89 -16.43
C LEU B 9 0.22 0.00 -17.67
N GLN B 10 -0.35 -0.48 -18.77
CA GLN B 10 -0.34 0.34 -19.98
C GLN B 10 -1.52 1.31 -20.03
N GLU B 11 -2.36 1.17 -21.05
CA GLU B 11 -3.52 2.05 -21.23
C GLU B 11 -3.18 3.53 -21.05
C1 0VK C . -7.26 -2.31 1.89
C2 0VK C . -7.83 -1.00 1.94
C3 0VK C . -8.74 -0.63 3.13
C4 0VK C . -8.98 -1.66 4.19
C5 0VK C . -8.36 -2.99 4.06
C6 0VK C . -7.50 -3.25 2.87
C48 0VK C . -9.39 0.72 3.28
O49 0VK C . -8.45 1.68 3.84
C52 0VK C . -7.48 -0.09 0.79
O53 0VK C . -6.61 -0.74 -0.17
C10 0VK C . -7.30 -3.55 5.14
O1 0VK C . -7.49 -5.06 4.90
C14 0VK C . -6.72 -5.99 5.57
C17 0VK C . -6.28 -7.09 4.68
C18 0VK C . -5.42 -8.17 5.26
C19 0VK C . -5.03 -8.11 6.70
C20 0VK C . -5.51 -7.00 7.53
C21 0VK C . -6.34 -5.95 6.97
C8 0VK C . -4.11 -9.22 7.37
C7 0VK C . -5.02 -9.19 4.36
C9 0VK C . -5.88 -10.38 4.19
C11 0VK C . -3.68 -9.08 3.60
C12 0VK C . -3.32 -10.15 2.72
C13 0VK C . -5.48 -11.45 3.30
C16 0VK C . -4.16 -11.36 2.53
C15 0VK C . -2.66 -7.90 3.66
C22 0VK C . -1.73 -7.87 4.76
C24 0VK C . -3.63 -12.47 1.55
C25 0VK C . -3.92 -12.13 0.02
C26 0VK C . -4.24 -13.87 1.98
O2 0VK C . -2.20 -12.56 1.76
C28 0VK C . -3.83 -15.08 1.14
C29 0VK C . -5.39 -11.97 -0.42
C23 0VK C . -0.84 -6.65 4.63
#